data_8ZX0
#
_entry.id   8ZX0
#
_cell.length_a   56.395
_cell.length_b   135.511
_cell.length_c   131.814
_cell.angle_alpha   90.000
_cell.angle_beta   90.000
_cell.angle_gamma   90.000
#
_symmetry.space_group_name_H-M   'C 2 2 21'
#
loop_
_entity.id
_entity.type
_entity.pdbx_description
1 polymer 'D-histidine 2-aminobutanoyltransferase'
2 non-polymer '(2S)-2-[2-[[(2S,3S,4R,5R)-5-(6-azanyl-2-chloranyl-purin-9-yl)-3,4-bis(oxidanyl)oxolan-2-yl]methylsulfanyl]ethylamino]-3-(1H-imidazol-4-yl)propanoic acid'
3 non-polymer 1,2-ETHANEDIOL
4 non-polymer CYSTEINE
5 non-polymer 'CALCIUM ION'
6 water water
#
_entity_poly.entity_id   1
_entity_poly.type   'polypeptide(L)'
_entity_poly.pdbx_seq_one_letter_code
;MGSSHHHHHHSSGNEIKLILQQYLEKFEAHYERVLQDDQYIEALETLMDDYSEFILNPIYEQQFNAWRDVEEKAQLIKSL
QYITAQCVKQVEVIRARRLLDGQASTTGYFDNIEHCIDEEFGQCSITSNDKLLLVGSGAYPMTLIQVAKETGASVIGIDI
DPQAVDLGRRIVNVLAPNEDITITDQKVSELKDIKDVTHIIFSSTIPLKYSILEELYDLTNENVVVAMRFGDGIKAIFNY
PSQETAEDKWQCVNKHMRPQQIFDIALYKKAAIKVGITDV
;
_entity_poly.pdbx_strand_id   A,B
#
# COMPACT_ATOMS: atom_id res chain seq x y z
N ASN A 14 9.49 -9.65 20.20
CA ASN A 14 8.29 -9.59 21.10
C ASN A 14 8.13 -8.18 21.68
N GLU A 15 9.21 -7.68 22.28
CA GLU A 15 9.20 -6.38 22.94
C GLU A 15 8.85 -5.27 21.93
N ILE A 16 9.43 -5.35 20.73
CA ILE A 16 9.23 -4.30 19.73
C ILE A 16 7.74 -4.16 19.39
N LYS A 17 7.03 -5.29 19.28
CA LYS A 17 5.64 -5.26 18.84
C LYS A 17 4.79 -4.48 19.85
N LEU A 18 5.10 -4.61 21.14
CA LEU A 18 4.27 -4.01 22.19
C LEU A 18 4.57 -2.52 22.31
N ILE A 19 5.81 -2.14 22.02
CA ILE A 19 6.20 -0.73 21.96
C ILE A 19 5.46 -0.07 20.78
N LEU A 20 5.55 -0.71 19.62
CA LEU A 20 4.87 -0.19 18.43
C LEU A 20 3.36 -0.07 18.66
N GLN A 21 2.78 -1.04 19.38
CA GLN A 21 1.35 -1.04 19.68
C GLN A 21 1.02 0.12 20.61
N GLN A 22 1.82 0.29 21.66
CA GLN A 22 1.68 1.37 22.61
C GLN A 22 1.80 2.71 21.90
N TYR A 23 2.80 2.84 21.01
CA TYR A 23 2.98 4.05 20.24
C TYR A 23 1.72 4.35 19.43
N LEU A 24 1.21 3.34 18.71
CA LEU A 24 0.07 3.54 17.82
C LEU A 24 -1.14 4.05 18.61
N GLU A 25 -1.36 3.45 19.80
CA GLU A 25 -2.47 3.79 20.67
C GLU A 25 -2.38 5.25 21.08
N LYS A 26 -1.21 5.66 21.58
CA LYS A 26 -0.99 7.03 22.03
C LYS A 26 -1.17 7.99 20.87
N PHE A 27 -0.62 7.64 19.71
CA PHE A 27 -0.69 8.51 18.55
C PHE A 27 -2.14 8.76 18.15
N GLU A 28 -2.97 7.70 18.13
CA GLU A 28 -4.35 7.85 17.70
C GLU A 28 -5.11 8.67 18.75
N ALA A 29 -4.76 8.54 20.03
CA ALA A 29 -5.43 9.30 21.07
C ALA A 29 -5.02 10.77 20.99
N HIS A 30 -3.70 11.03 21.00
CA HIS A 30 -3.19 12.39 20.94
C HIS A 30 -3.76 13.13 19.73
N TYR A 31 -3.89 12.42 18.60
CA TYR A 31 -4.42 13.00 17.38
C TYR A 31 -5.87 13.47 17.60
N GLU A 32 -6.71 12.57 18.13
CA GLU A 32 -8.12 12.82 18.37
C GLU A 32 -8.27 13.94 19.41
N ARG A 33 -7.40 13.93 20.43
CA ARG A 33 -7.44 14.94 21.49
C ARG A 33 -6.96 16.29 20.97
N VAL A 34 -5.97 16.28 20.06
CA VAL A 34 -5.39 17.50 19.52
C VAL A 34 -6.35 18.13 18.50
N LEU A 35 -7.20 17.31 17.87
CA LEU A 35 -8.21 17.80 16.95
C LEU A 35 -9.41 18.36 17.73
N GLN A 36 -9.55 17.96 19.00
CA GLN A 36 -10.63 18.40 19.86
C GLN A 36 -10.23 19.66 20.64
N ASP A 37 -8.94 19.76 21.01
CA ASP A 37 -8.43 20.91 21.74
C ASP A 37 -6.94 21.08 21.47
N ASP A 38 -6.53 22.34 21.25
CA ASP A 38 -5.20 22.68 20.75
C ASP A 38 -4.12 22.52 21.81
N GLN A 39 -4.50 22.48 23.10
CA GLN A 39 -3.55 22.52 24.19
C GLN A 39 -2.87 21.16 24.38
N TYR A 40 -3.27 20.16 23.59
CA TYR A 40 -2.65 18.84 23.62
C TYR A 40 -1.41 18.80 22.75
N ILE A 41 -1.03 19.94 22.13
CA ILE A 41 0.07 19.97 21.19
C ILE A 41 1.39 19.64 21.88
N GLU A 42 1.60 20.14 23.11
CA GLU A 42 2.87 19.96 23.81
C GLU A 42 3.12 18.47 24.04
N ALA A 43 2.07 17.75 24.41
CA ALA A 43 2.16 16.31 24.66
C ALA A 43 2.48 15.57 23.36
N LEU A 44 1.81 15.93 22.26
CA LEU A 44 2.03 15.27 20.98
C LEU A 44 3.46 15.51 20.51
N GLU A 45 3.98 16.72 20.71
CA GLU A 45 5.35 17.04 20.34
C GLU A 45 6.32 16.18 21.14
N THR A 46 6.06 16.03 22.45
CA THR A 46 6.92 15.25 23.31
C THR A 46 6.91 13.80 22.83
N LEU A 47 5.72 13.30 22.47
CA LEU A 47 5.59 11.93 21.97
C LEU A 47 6.42 11.77 20.69
N MET A 48 6.37 12.78 19.81
CA MET A 48 7.06 12.71 18.55
C MET A 48 8.58 12.73 18.74
N ASP A 49 9.08 13.52 19.71
CA ASP A 49 10.49 13.53 20.06
C ASP A 49 10.90 12.16 20.60
N ASP A 50 10.07 11.58 21.45
CA ASP A 50 10.30 10.25 21.99
C ASP A 50 10.35 9.23 20.85
N TYR A 51 9.35 9.28 19.96
CA TYR A 51 9.27 8.39 18.80
C TYR A 51 10.53 8.50 17.94
N SER A 52 10.95 9.74 17.62
CA SER A 52 12.15 9.95 16.81
C SER A 52 13.37 9.29 17.45
N GLU A 53 13.51 9.45 18.77
CA GLU A 53 14.66 8.89 19.47
C GLU A 53 14.60 7.37 19.44
N PHE A 54 13.39 6.81 19.55
CA PHE A 54 13.18 5.38 19.48
C PHE A 54 13.69 4.82 18.16
N ILE A 55 13.34 5.49 17.04
CA ILE A 55 13.62 5.02 15.70
C ILE A 55 15.12 5.04 15.42
N LEU A 56 15.81 6.07 15.93
CA LEU A 56 17.22 6.26 15.65
C LEU A 56 18.09 5.51 16.65
N ASN A 57 17.48 4.81 17.61
CA ASN A 57 18.27 4.10 18.62
C ASN A 57 18.65 2.72 18.08
N PRO A 58 19.96 2.37 18.00
CA PRO A 58 20.41 1.10 17.42
C PRO A 58 19.83 -0.18 18.02
N ILE A 59 19.44 -0.14 19.31
CA ILE A 59 18.78 -1.29 19.90
C ILE A 59 17.50 -1.58 19.15
N TYR A 60 16.60 -0.59 19.10
CA TYR A 60 15.25 -0.79 18.57
C TYR A 60 15.31 -1.06 17.07
N GLU A 61 16.23 -0.41 16.36
CA GLU A 61 16.41 -0.61 14.93
C GLU A 61 16.81 -2.07 14.63
N GLN A 62 17.70 -2.64 15.43
CA GLN A 62 18.13 -4.02 15.19
C GLN A 62 17.04 -5.00 15.64
N GLN A 63 16.28 -4.64 16.68
CA GLN A 63 15.18 -5.50 17.14
C GLN A 63 14.09 -5.54 16.07
N PHE A 64 13.79 -4.39 15.46
CA PHE A 64 12.77 -4.30 14.41
C PHE A 64 13.13 -5.24 13.26
N ASN A 65 14.37 -5.14 12.76
CA ASN A 65 14.83 -5.98 11.67
C ASN A 65 14.83 -7.47 12.05
N ALA A 66 15.09 -7.78 13.33
CA ALA A 66 15.15 -9.17 13.77
C ALA A 66 13.75 -9.80 13.78
N TRP A 67 12.73 -8.98 14.03
CA TRP A 67 11.36 -9.46 14.08
C TRP A 67 10.99 -10.01 12.71
N ARG A 68 10.75 -11.32 12.63
CA ARG A 68 10.53 -11.98 11.36
C ARG A 68 9.09 -12.45 11.25
N ASP A 69 8.16 -11.72 11.89
CA ASP A 69 6.74 -11.91 11.65
C ASP A 69 6.34 -10.92 10.58
N VAL A 70 6.77 -11.21 9.35
CA VAL A 70 6.81 -10.21 8.29
C VAL A 70 5.40 -9.69 8.06
N GLU A 71 4.40 -10.58 8.19
CA GLU A 71 3.02 -10.20 7.96
C GLU A 71 2.56 -9.22 9.05
N GLU A 72 2.87 -9.56 10.30
CA GLU A 72 2.40 -8.85 11.49
C GLU A 72 3.00 -7.44 11.59
N LYS A 73 4.25 -7.32 11.18
CA LYS A 73 4.96 -6.05 11.19
C LYS A 73 4.26 -5.07 10.24
N ALA A 74 3.76 -5.57 9.11
CA ALA A 74 3.22 -4.71 8.06
C ALA A 74 2.02 -3.90 8.54
N GLN A 75 1.14 -4.51 9.32
CA GLN A 75 -0.09 -3.82 9.73
C GLN A 75 0.26 -2.70 10.71
N LEU A 76 1.24 -2.94 11.58
CA LEU A 76 1.67 -1.88 12.48
C LEU A 76 2.36 -0.77 11.70
N ILE A 77 3.22 -1.14 10.74
CA ILE A 77 3.92 -0.16 9.94
C ILE A 77 2.91 0.74 9.22
N LYS A 78 1.99 0.09 8.49
CA LYS A 78 1.04 0.82 7.66
C LYS A 78 0.21 1.73 8.56
N SER A 79 -0.22 1.22 9.71
CA SER A 79 -1.02 1.99 10.66
C SER A 79 -0.24 3.18 11.17
N LEU A 80 0.98 2.91 11.64
CA LEU A 80 1.80 3.94 12.24
C LEU A 80 2.14 5.02 11.21
N GLN A 81 2.54 4.60 10.01
CA GLN A 81 2.98 5.58 9.02
C GLN A 81 1.81 6.50 8.67
N TYR A 82 0.59 5.93 8.67
CA TYR A 82 -0.63 6.70 8.43
C TYR A 82 -0.87 7.73 9.55
N ILE A 83 -0.94 7.26 10.81
CA ILE A 83 -1.32 8.14 11.91
C ILE A 83 -0.25 9.21 12.15
N THR A 84 1.03 8.84 12.00
CA THR A 84 2.14 9.77 12.24
C THR A 84 2.14 10.87 11.19
N ALA A 85 1.83 10.53 9.94
CA ALA A 85 1.80 11.52 8.87
C ALA A 85 0.76 12.60 9.19
N GLN A 86 -0.40 12.15 9.70
CA GLN A 86 -1.50 13.04 10.05
C GLN A 86 -1.12 13.86 11.28
N CYS A 87 -0.34 13.28 12.20
CA CYS A 87 0.07 14.02 13.39
C CYS A 87 1.07 15.11 13.02
N VAL A 88 1.94 14.83 12.05
CA VAL A 88 2.94 15.80 11.65
C VAL A 88 2.24 17.01 11.03
N LYS A 89 1.23 16.77 10.18
CA LYS A 89 0.44 17.83 9.60
C LYS A 89 -0.23 18.68 10.68
N GLN A 90 -0.82 18.03 11.69
CA GLN A 90 -1.50 18.73 12.77
C GLN A 90 -0.53 19.59 13.58
N VAL A 91 0.69 19.08 13.82
CA VAL A 91 1.70 19.87 14.51
C VAL A 91 1.99 21.13 13.70
N GLU A 92 2.15 20.98 12.38
CA GLU A 92 2.53 22.10 11.54
C GLU A 92 1.43 23.15 11.50
N VAL A 93 0.17 22.69 11.46
CA VAL A 93 -0.96 23.62 11.42
C VAL A 93 -0.97 24.44 12.70
N ILE A 94 -0.80 23.76 13.84
CA ILE A 94 -0.92 24.45 15.12
C ILE A 94 0.27 25.41 15.26
N ARG A 95 1.47 24.95 14.91
CA ARG A 95 2.65 25.79 14.97
C ARG A 95 2.46 27.06 14.15
N ALA A 96 1.87 26.92 12.96
CA ALA A 96 1.65 28.05 12.07
C ALA A 96 0.70 29.06 12.71
N ARG A 97 -0.41 28.57 13.26
CA ARG A 97 -1.44 29.44 13.81
C ARG A 97 -0.89 30.19 15.03
N ARG A 98 -0.07 29.50 15.83
CA ARG A 98 0.56 30.08 17.01
C ARG A 98 1.48 31.22 16.60
N LEU A 99 2.31 30.99 15.58
CA LEU A 99 3.20 32.02 15.04
C LEU A 99 2.38 33.20 14.52
N LEU A 100 1.26 32.92 13.88
CA LEU A 100 0.43 33.98 13.34
C LEU A 100 -0.38 34.60 14.48
N ASP A 118 21.49 21.78 0.77
CA ASP A 118 21.95 21.46 -0.61
C ASP A 118 23.21 20.59 -0.62
N GLU A 119 23.77 20.27 0.54
CA GLU A 119 24.89 19.33 0.63
C GLU A 119 24.42 17.92 0.27
N GLU A 120 23.13 17.64 0.52
CA GLU A 120 22.46 16.43 0.09
C GLU A 120 22.63 16.25 -1.42
N PHE A 121 22.54 17.37 -2.15
CA PHE A 121 22.66 17.38 -3.60
C PHE A 121 24.12 17.31 -4.03
N GLY A 122 25.07 17.70 -3.17
CA GLY A 122 26.49 17.70 -3.53
C GLY A 122 26.80 18.70 -4.64
N GLN A 123 27.43 18.22 -5.72
CA GLN A 123 27.72 19.02 -6.91
C GLN A 123 26.45 19.52 -7.61
N CYS A 124 25.29 18.90 -7.33
CA CYS A 124 24.03 19.29 -7.96
C CYS A 124 23.22 20.22 -7.07
N SER A 125 23.91 21.10 -6.29
CA SER A 125 23.26 21.93 -5.28
C SER A 125 22.55 23.11 -5.93
N ILE A 126 21.81 23.86 -5.09
CA ILE A 126 20.92 24.94 -5.50
C ILE A 126 21.61 26.28 -5.35
N THR A 127 21.54 27.11 -6.40
CA THR A 127 22.06 28.47 -6.39
C THR A 127 20.95 29.44 -6.80
N SER A 128 21.30 30.73 -6.90
CA SER A 128 20.32 31.77 -7.16
C SER A 128 19.72 31.65 -8.55
N ASN A 129 20.37 30.92 -9.49
CA ASN A 129 19.86 30.79 -10.85
C ASN A 129 18.96 29.55 -11.01
N ASP A 130 18.71 28.81 -9.92
CA ASP A 130 17.92 27.58 -9.98
C ASP A 130 16.47 27.80 -9.54
N LYS A 131 15.63 26.77 -9.75
CA LYS A 131 14.23 26.84 -9.37
C LYS A 131 13.81 25.52 -8.72
N LEU A 132 13.34 25.61 -7.47
CA LEU A 132 13.06 24.43 -6.66
C LEU A 132 11.55 24.25 -6.51
N LEU A 133 11.06 23.02 -6.72
CA LEU A 133 9.70 22.64 -6.41
C LEU A 133 9.73 21.68 -5.22
N LEU A 134 9.00 22.02 -4.16
CA LEU A 134 8.81 21.09 -3.06
C LEU A 134 7.39 20.54 -3.09
N VAL A 135 7.29 19.21 -3.16
CA VAL A 135 6.00 18.54 -3.12
C VAL A 135 5.72 18.20 -1.68
N GLY A 136 4.62 18.75 -1.16
CA GLY A 136 4.26 18.63 0.24
C GLY A 136 4.91 19.74 1.07
N SER A 137 4.59 20.99 0.73
CA SER A 137 5.23 22.15 1.32
C SER A 137 4.86 22.28 2.80
N GLY A 138 3.59 22.01 3.16
CA GLY A 138 3.13 21.99 4.55
C GLY A 138 2.67 23.34 5.10
N ALA A 139 1.94 23.32 6.23
CA ALA A 139 1.38 24.53 6.83
C ALA A 139 2.47 25.43 7.44
N TYR A 140 3.61 24.82 7.81
CA TYR A 140 4.73 25.55 8.40
C TYR A 140 5.96 25.33 7.53
N PRO A 141 6.04 25.97 6.34
CA PRO A 141 7.00 25.59 5.30
C PRO A 141 8.43 26.08 5.54
N MET A 142 9.07 25.57 6.60
CA MET A 142 10.38 26.04 7.03
C MET A 142 11.45 25.72 5.98
N THR A 143 11.45 24.48 5.47
CA THR A 143 12.39 24.04 4.45
C THR A 143 12.35 24.96 3.24
N LEU A 144 11.15 25.38 2.83
CA LEU A 144 10.98 26.19 1.64
C LEU A 144 11.60 27.56 1.87
N ILE A 145 11.35 28.12 3.05
CA ILE A 145 11.84 29.45 3.40
C ILE A 145 13.35 29.39 3.55
N GLN A 146 13.83 28.32 4.18
CA GLN A 146 15.25 28.13 4.48
C GLN A 146 16.08 28.10 3.19
N VAL A 147 15.64 27.29 2.20
CA VAL A 147 16.37 27.17 0.94
C VAL A 147 16.31 28.48 0.20
N ALA A 148 15.15 29.15 0.22
CA ALA A 148 15.00 30.40 -0.49
C ALA A 148 15.92 31.48 0.08
N LYS A 149 16.11 31.50 1.40
CA LYS A 149 16.89 32.58 2.00
C LYS A 149 18.37 32.36 1.74
N GLU A 150 18.83 31.11 1.87
CA GLU A 150 20.24 30.78 1.70
C GLU A 150 20.67 30.84 0.24
N THR A 151 19.82 30.32 -0.68
CA THR A 151 20.24 30.10 -2.05
C THR A 151 19.99 31.35 -2.92
N GLY A 152 18.87 32.04 -2.71
CA GLY A 152 18.39 33.05 -3.63
C GLY A 152 17.51 32.48 -4.75
N ALA A 153 17.33 31.15 -4.77
CA ALA A 153 16.61 30.45 -5.82
C ALA A 153 15.11 30.76 -5.76
N SER A 154 14.43 30.72 -6.91
CA SER A 154 12.99 30.81 -6.88
C SER A 154 12.45 29.47 -6.39
N VAL A 155 11.48 29.51 -5.49
CA VAL A 155 10.98 28.27 -4.92
C VAL A 155 9.46 28.22 -5.11
N ILE A 156 8.97 27.00 -5.39
CA ILE A 156 7.55 26.73 -5.48
C ILE A 156 7.24 25.57 -4.54
N GLY A 157 6.25 25.75 -3.66
CA GLY A 157 5.70 24.65 -2.88
C GLY A 157 4.26 24.33 -3.30
N ILE A 158 3.96 23.04 -3.44
CA ILE A 158 2.58 22.56 -3.61
C ILE A 158 2.17 21.70 -2.43
N ASP A 159 0.87 21.70 -2.13
CA ASP A 159 0.27 20.84 -1.12
C ASP A 159 -1.19 20.57 -1.47
N ILE A 160 -1.65 19.33 -1.25
CA ILE A 160 -3.03 18.92 -1.54
C ILE A 160 -4.00 19.49 -0.51
N ASP A 161 -3.53 19.81 0.69
CA ASP A 161 -4.39 20.30 1.76
C ASP A 161 -4.52 21.82 1.68
N PRO A 162 -5.73 22.35 1.37
CA PRO A 162 -5.93 23.79 1.22
C PRO A 162 -5.59 24.61 2.47
N GLN A 163 -5.82 24.03 3.66
CA GLN A 163 -5.45 24.69 4.91
C GLN A 163 -3.93 24.90 5.00
N ALA A 164 -3.17 23.90 4.55
CA ALA A 164 -1.70 23.97 4.54
C ALA A 164 -1.20 25.03 3.56
N VAL A 165 -1.90 25.20 2.42
CA VAL A 165 -1.56 26.20 1.43
C VAL A 165 -1.78 27.59 2.02
N ASP A 166 -2.96 27.77 2.65
CA ASP A 166 -3.38 29.03 3.22
C ASP A 166 -2.41 29.44 4.34
N LEU A 167 -2.17 28.53 5.29
CA LEU A 167 -1.27 28.83 6.41
C LEU A 167 0.15 29.05 5.90
N GLY A 168 0.61 28.20 4.96
CA GLY A 168 1.96 28.26 4.45
C GLY A 168 2.28 29.61 3.80
N ARG A 169 1.35 30.08 2.97
CA ARG A 169 1.46 31.37 2.31
C ARG A 169 1.59 32.49 3.34
N ARG A 170 0.73 32.44 4.35
CA ARG A 170 0.69 33.47 5.38
C ARG A 170 1.99 33.45 6.20
N ILE A 171 2.56 32.26 6.44
CA ILE A 171 3.80 32.16 7.17
C ILE A 171 4.92 32.80 6.35
N VAL A 172 4.90 32.53 5.04
CA VAL A 172 5.89 33.09 4.12
C VAL A 172 5.84 34.62 4.16
N ASN A 173 4.62 35.18 4.15
CA ASN A 173 4.46 36.63 4.16
C ASN A 173 5.09 37.25 5.41
N VAL A 174 5.15 36.49 6.51
CA VAL A 174 5.65 37.00 7.78
C VAL A 174 7.16 36.76 7.88
N LEU A 175 7.66 35.59 7.46
CA LEU A 175 9.03 35.20 7.72
C LEU A 175 9.96 35.40 6.51
N ALA A 176 9.39 35.61 5.31
CA ALA A 176 10.20 35.76 4.10
C ALA A 176 9.45 36.49 2.99
N PRO A 177 8.88 37.68 3.27
CA PRO A 177 8.07 38.39 2.28
C PRO A 177 8.81 38.86 1.03
N ASN A 178 10.13 39.05 1.13
CA ASN A 178 10.92 39.59 0.03
C ASN A 178 11.40 38.48 -0.91
N GLU A 179 11.33 37.22 -0.46
CA GLU A 179 11.82 36.08 -1.23
C GLU A 179 10.83 35.72 -2.33
N ASP A 180 11.31 35.04 -3.38
CA ASP A 180 10.48 34.56 -4.48
C ASP A 180 9.95 33.16 -4.16
N ILE A 181 8.87 33.11 -3.36
CA ILE A 181 8.27 31.88 -2.90
C ILE A 181 6.82 31.90 -3.33
N THR A 182 6.37 30.85 -4.04
CA THR A 182 4.98 30.72 -4.42
C THR A 182 4.45 29.40 -3.88
N ILE A 183 3.36 29.44 -3.10
CA ILE A 183 2.71 28.23 -2.60
C ILE A 183 1.31 28.11 -3.24
N THR A 184 0.99 26.91 -3.76
CA THR A 184 -0.26 26.68 -4.47
C THR A 184 -0.78 25.27 -4.20
N ASP A 185 -2.07 25.06 -4.50
CA ASP A 185 -2.72 23.78 -4.33
C ASP A 185 -2.78 23.05 -5.68
N GLN A 186 -2.01 23.52 -6.66
CA GLN A 186 -1.97 22.92 -7.97
C GLN A 186 -1.26 21.58 -7.94
N LYS A 187 -1.75 20.65 -8.76
CA LYS A 187 -1.06 19.40 -9.02
C LYS A 187 0.12 19.68 -9.96
N VAL A 188 1.10 18.77 -9.98
CA VAL A 188 2.30 18.98 -10.77
C VAL A 188 1.93 19.26 -12.23
N SER A 189 0.87 18.61 -12.73
CA SER A 189 0.48 18.73 -14.14
C SER A 189 -0.20 20.06 -14.43
N GLU A 190 -0.47 20.87 -13.40
CA GLU A 190 -1.15 22.16 -13.57
C GLU A 190 -0.14 23.30 -13.40
N LEU A 191 1.12 22.98 -13.14
CA LEU A 191 2.17 23.98 -12.96
C LEU A 191 2.68 24.44 -14.33
N LYS A 192 2.41 25.72 -14.65
CA LYS A 192 2.73 26.25 -15.97
C LYS A 192 4.25 26.35 -16.15
N ASP A 193 4.99 26.54 -15.05
CA ASP A 193 6.43 26.71 -15.11
C ASP A 193 7.21 25.43 -14.78
N ILE A 194 6.57 24.25 -14.89
CA ILE A 194 7.20 23.00 -14.44
C ILE A 194 8.46 22.68 -15.25
N LYS A 195 8.53 23.13 -16.52
CA LYS A 195 9.66 22.78 -17.37
C LYS A 195 10.92 23.56 -16.98
N ASP A 196 10.77 24.64 -16.21
CA ASP A 196 11.91 25.45 -15.82
C ASP A 196 12.47 25.01 -14.46
N VAL A 197 11.82 24.04 -13.80
CA VAL A 197 12.26 23.57 -12.50
C VAL A 197 13.56 22.77 -12.67
N THR A 198 14.51 23.01 -11.76
CA THR A 198 15.84 22.40 -11.84
C THR A 198 16.02 21.34 -10.74
N HIS A 199 15.34 21.54 -9.62
CA HIS A 199 15.43 20.66 -8.46
C HIS A 199 14.03 20.41 -7.91
N ILE A 200 13.78 19.18 -7.48
CA ILE A 200 12.51 18.80 -6.88
C ILE A 200 12.83 18.05 -5.59
N ILE A 201 12.13 18.36 -4.49
CA ILE A 201 12.21 17.65 -3.24
C ILE A 201 10.83 17.13 -2.87
N PHE A 202 10.75 15.85 -2.50
CA PHE A 202 9.53 15.21 -2.04
C PHE A 202 9.57 15.06 -0.53
N SER A 203 8.51 15.53 0.14
CA SER A 203 8.23 15.19 1.52
C SER A 203 8.06 13.67 1.61
N SER A 204 8.62 13.11 2.67
CA SER A 204 8.66 11.68 2.88
C SER A 204 7.28 11.10 3.16
N THR A 205 6.43 11.90 3.82
CA THR A 205 5.15 11.40 4.33
C THR A 205 4.07 11.49 3.26
N ILE A 206 4.47 11.54 1.97
CA ILE A 206 3.53 11.46 0.86
C ILE A 206 3.40 10.00 0.38
N PRO A 207 2.26 9.32 0.60
CA PRO A 207 2.13 7.90 0.27
C PRO A 207 2.40 7.56 -1.20
N LEU A 208 1.95 8.42 -2.12
CA LEU A 208 2.03 8.08 -3.55
C LEU A 208 3.12 8.90 -4.24
N LYS A 209 4.23 9.15 -3.52
CA LYS A 209 5.28 10.03 -3.99
C LYS A 209 5.95 9.46 -5.23
N TYR A 210 6.13 8.13 -5.30
CA TYR A 210 6.71 7.55 -6.50
C TYR A 210 5.75 7.64 -7.70
N SER A 211 4.43 7.68 -7.46
CA SER A 211 3.47 7.85 -8.56
C SER A 211 3.60 9.25 -9.14
N ILE A 212 3.89 10.23 -8.27
CA ILE A 212 4.09 11.59 -8.71
C ILE A 212 5.40 11.67 -9.48
N LEU A 213 6.45 11.01 -8.98
CA LEU A 213 7.73 11.02 -9.65
C LEU A 213 7.58 10.51 -11.09
N GLU A 214 6.80 9.44 -11.29
CA GLU A 214 6.58 8.87 -12.61
C GLU A 214 5.94 9.90 -13.52
N GLU A 215 4.91 10.59 -13.01
CA GLU A 215 4.24 11.67 -13.73
C GLU A 215 5.22 12.77 -14.15
N LEU A 216 6.20 13.09 -13.28
CA LEU A 216 7.09 14.22 -13.51
C LEU A 216 8.06 13.99 -14.68
N TYR A 217 8.28 12.74 -15.10
CA TYR A 217 9.27 12.45 -16.14
C TYR A 217 8.94 13.26 -17.40
N ASP A 218 7.68 13.19 -17.85
CA ASP A 218 7.30 13.88 -19.07
C ASP A 218 7.21 15.39 -18.84
N LEU A 219 6.92 15.81 -17.60
CA LEU A 219 6.66 17.21 -17.36
C LEU A 219 7.93 18.03 -17.24
N THR A 220 9.09 17.39 -17.00
CA THR A 220 10.26 18.12 -16.56
C THR A 220 11.31 18.23 -17.66
N ASN A 221 12.24 19.18 -17.52
CA ASN A 221 13.38 19.23 -18.41
C ASN A 221 14.31 18.04 -18.16
N GLU A 222 15.26 17.88 -19.10
CA GLU A 222 16.15 16.74 -19.17
C GLU A 222 17.11 16.67 -17.98
N ASN A 223 17.50 17.83 -17.41
CA ASN A 223 18.61 17.94 -16.48
C ASN A 223 18.15 18.08 -15.03
N VAL A 224 16.87 17.80 -14.76
CA VAL A 224 16.31 17.98 -13.43
C VAL A 224 16.91 16.96 -12.45
N VAL A 225 16.98 17.32 -11.18
CA VAL A 225 17.42 16.40 -10.13
C VAL A 225 16.33 16.36 -9.07
N VAL A 226 16.02 15.15 -8.58
CA VAL A 226 14.95 14.92 -7.62
C VAL A 226 15.55 14.35 -6.34
N ALA A 227 15.20 14.93 -5.18
CA ALA A 227 15.53 14.33 -3.90
C ALA A 227 14.27 13.74 -3.29
N MET A 228 14.25 12.41 -3.17
CA MET A 228 13.15 11.68 -2.58
C MET A 228 13.53 11.42 -1.13
N ARG A 229 12.86 12.09 -0.19
CA ARG A 229 12.93 11.72 1.21
C ARG A 229 12.20 10.38 1.39
N PHE A 230 12.83 9.46 2.15
CA PHE A 230 12.22 8.18 2.45
C PHE A 230 12.72 7.63 3.79
N GLY A 231 12.07 6.56 4.23
CA GLY A 231 12.60 5.78 5.33
C GLY A 231 12.27 4.29 5.18
N ASP A 232 13.31 3.44 5.27
CA ASP A 232 13.19 1.99 5.17
C ASP A 232 13.50 1.38 6.54
N GLY A 233 13.16 0.09 6.73
CA GLY A 233 13.31 -0.53 8.03
C GLY A 233 12.45 0.17 9.07
N ILE A 234 13.01 0.40 10.26
CA ILE A 234 12.27 0.99 11.36
C ILE A 234 11.80 2.40 10.98
N LYS A 235 12.57 3.09 10.13
CA LYS A 235 12.21 4.44 9.71
C LYS A 235 10.88 4.47 8.96
N ALA A 236 10.43 3.31 8.43
CA ALA A 236 9.18 3.27 7.67
C ALA A 236 7.98 3.45 8.59
N ILE A 237 8.19 3.51 9.92
CA ILE A 237 7.07 3.72 10.84
C ILE A 237 6.81 5.22 11.00
N PHE A 238 7.65 6.07 10.37
CA PHE A 238 7.48 7.51 10.48
C PHE A 238 7.63 8.18 9.11
N ASN A 239 7.71 7.35 8.06
CA ASN A 239 8.00 7.77 6.69
C ASN A 239 7.33 6.76 5.75
N TYR A 240 7.16 7.15 4.48
CA TYR A 240 6.83 6.17 3.45
C TYR A 240 8.16 5.68 2.87
N PRO A 241 8.23 4.38 2.50
CA PRO A 241 9.48 3.74 2.06
C PRO A 241 10.00 4.15 0.68
N SER A 242 11.23 3.75 0.38
CA SER A 242 11.78 3.85 -0.96
C SER A 242 11.17 2.76 -1.86
N GLN A 243 11.34 2.92 -3.19
CA GLN A 243 10.93 1.90 -4.15
C GLN A 243 11.95 1.82 -5.29
N GLU A 244 11.99 0.66 -5.97
CA GLU A 244 12.69 0.52 -7.25
C GLU A 244 11.91 1.27 -8.33
N THR A 245 12.65 1.99 -9.18
CA THR A 245 12.09 2.78 -10.27
C THR A 245 12.45 2.16 -11.61
N ALA A 246 11.64 2.50 -12.62
CA ALA A 246 11.85 2.06 -13.99
C ALA A 246 13.17 2.62 -14.52
N GLU A 247 14.15 1.72 -14.71
CA GLU A 247 15.50 2.09 -15.10
C GLU A 247 15.50 2.93 -16.39
N ASP A 248 14.39 2.90 -17.13
CA ASP A 248 14.27 3.58 -18.42
C ASP A 248 13.93 5.06 -18.24
N LYS A 249 13.46 5.46 -17.05
CA LYS A 249 13.04 6.83 -16.80
C LYS A 249 13.99 7.49 -15.81
N TRP A 250 13.85 7.12 -14.53
CA TRP A 250 14.58 7.74 -13.43
C TRP A 250 15.65 6.78 -12.96
N GLN A 251 16.90 7.26 -12.91
CA GLN A 251 18.02 6.49 -12.41
C GLN A 251 18.37 7.00 -11.00
N CYS A 252 18.41 6.09 -10.02
CA CYS A 252 18.93 6.49 -8.72
C CYS A 252 20.42 6.75 -8.87
N VAL A 253 20.89 7.96 -8.58
CA VAL A 253 22.29 8.30 -8.72
C VAL A 253 22.99 8.35 -7.34
N ASN A 254 22.24 8.45 -6.24
CA ASN A 254 22.84 8.44 -4.90
C ASN A 254 21.82 7.99 -3.85
N LYS A 255 22.29 7.29 -2.81
CA LYS A 255 21.43 6.96 -1.69
C LYS A 255 22.17 7.31 -0.40
N HIS A 256 21.58 8.24 0.36
CA HIS A 256 22.22 8.80 1.54
C HIS A 256 21.49 8.29 2.77
N MET A 257 22.18 7.43 3.54
CA MET A 257 21.72 6.89 4.81
C MET A 257 22.28 7.72 5.96
N ARG A 258 21.36 8.23 6.79
CA ARG A 258 21.69 9.20 7.82
C ARG A 258 21.24 8.63 9.17
N PRO A 259 22.14 7.91 9.89
CA PRO A 259 21.80 7.30 11.17
C PRO A 259 21.22 8.22 12.24
N GLN A 260 21.52 9.52 12.16
CA GLN A 260 21.05 10.47 13.15
C GLN A 260 19.87 11.30 12.63
N GLN A 261 19.28 10.92 11.49
CA GLN A 261 18.16 11.65 10.93
C GLN A 261 16.96 10.72 10.77
N ILE A 262 15.75 11.26 10.97
CA ILE A 262 14.52 10.47 10.89
C ILE A 262 14.22 10.05 9.46
N PHE A 263 14.78 10.72 8.45
CA PHE A 263 14.59 10.33 7.05
C PHE A 263 15.93 10.33 6.30
N ASP A 264 16.00 9.44 5.30
CA ASP A 264 17.13 9.31 4.39
C ASP A 264 16.79 9.96 3.06
N ILE A 265 17.79 10.05 2.17
CA ILE A 265 17.57 10.74 0.91
C ILE A 265 18.10 9.90 -0.26
N ALA A 266 17.26 9.80 -1.31
CA ALA A 266 17.67 9.20 -2.56
C ALA A 266 17.60 10.26 -3.66
N LEU A 267 18.65 10.32 -4.46
CA LEU A 267 18.72 11.29 -5.54
C LEU A 267 18.48 10.57 -6.87
N TYR A 268 17.64 11.18 -7.72
CA TYR A 268 17.27 10.58 -8.99
C TYR A 268 17.57 11.59 -10.10
N LYS A 269 18.04 11.08 -11.23
CA LYS A 269 18.20 11.87 -12.45
C LYS A 269 17.58 11.07 -13.59
N LYS A 270 17.26 11.74 -14.70
CA LYS A 270 16.68 11.05 -15.84
C LYS A 270 17.76 10.21 -16.51
N ALA A 271 17.40 9.01 -16.97
CA ALA A 271 18.34 8.16 -17.68
C ALA A 271 18.75 8.81 -19.00
N ALA A 272 20.07 8.81 -19.27
CA ALA A 272 20.64 9.30 -20.52
C ALA A 272 20.71 8.17 -21.54
N GLY B 13 -9.23 8.63 -20.20
CA GLY B 13 -8.73 9.61 -19.21
C GLY B 13 -9.81 9.98 -18.20
N ASN B 14 -10.58 11.03 -18.50
CA ASN B 14 -11.57 11.54 -17.56
C ASN B 14 -12.70 10.54 -17.42
N GLU B 15 -13.11 9.88 -18.52
CA GLU B 15 -14.21 8.92 -18.47
C GLU B 15 -13.84 7.72 -17.60
N ILE B 16 -12.65 7.15 -17.78
CA ILE B 16 -12.22 6.05 -16.92
C ILE B 16 -12.23 6.49 -15.45
N LYS B 17 -11.72 7.69 -15.16
CA LYS B 17 -11.64 8.22 -13.80
C LYS B 17 -13.02 8.32 -13.18
N LEU B 18 -13.97 8.89 -13.93
CA LEU B 18 -15.34 9.03 -13.45
C LEU B 18 -15.99 7.67 -13.19
N ILE B 19 -15.72 6.69 -14.07
CA ILE B 19 -16.30 5.36 -13.91
C ILE B 19 -15.79 4.73 -12.62
N LEU B 20 -14.47 4.81 -12.42
CA LEU B 20 -13.80 4.28 -11.24
C LEU B 20 -14.33 4.92 -9.97
N GLN B 21 -14.51 6.25 -9.97
CA GLN B 21 -15.05 6.99 -8.83
C GLN B 21 -16.47 6.53 -8.53
N GLN B 22 -17.27 6.33 -9.58
CA GLN B 22 -18.64 5.88 -9.43
C GLN B 22 -18.68 4.48 -8.83
N TYR B 23 -17.83 3.57 -9.33
CA TYR B 23 -17.76 2.24 -8.76
C TYR B 23 -17.31 2.32 -7.29
N LEU B 24 -16.36 3.23 -6.99
CA LEU B 24 -15.84 3.30 -5.63
C LEU B 24 -16.98 3.70 -4.68
N GLU B 25 -17.68 4.79 -5.03
CA GLU B 25 -18.82 5.26 -4.25
C GLU B 25 -19.89 4.17 -4.11
N LYS B 26 -20.18 3.44 -5.19
CA LYS B 26 -21.24 2.44 -5.13
C LYS B 26 -20.84 1.26 -4.23
N PHE B 27 -19.58 0.80 -4.33
CA PHE B 27 -19.09 -0.30 -3.51
C PHE B 27 -19.13 0.08 -2.02
N GLU B 28 -18.75 1.30 -1.67
CA GLU B 28 -18.75 1.73 -0.27
C GLU B 28 -20.16 1.74 0.29
N ALA B 29 -21.12 2.26 -0.49
CA ALA B 29 -22.51 2.28 -0.07
C ALA B 29 -23.07 0.87 0.06
N HIS B 30 -22.78 -0.01 -0.92
CA HIS B 30 -23.34 -1.36 -0.91
C HIS B 30 -22.81 -2.17 0.27
N TYR B 31 -21.53 -1.97 0.62
CA TYR B 31 -20.91 -2.61 1.77
C TYR B 31 -21.70 -2.29 3.03
N GLU B 32 -21.96 -0.99 3.28
CA GLU B 32 -22.68 -0.54 4.46
C GLU B 32 -24.08 -1.16 4.50
N ARG B 33 -24.77 -1.13 3.36
CA ARG B 33 -26.13 -1.61 3.24
C ARG B 33 -26.20 -3.10 3.58
N VAL B 34 -25.27 -3.89 3.04
CA VAL B 34 -25.27 -5.33 3.22
C VAL B 34 -24.88 -5.69 4.65
N LEU B 35 -24.02 -4.87 5.29
CA LEU B 35 -23.64 -5.09 6.68
C LEU B 35 -24.85 -4.93 7.60
N GLN B 36 -25.78 -4.03 7.26
CA GLN B 36 -26.93 -3.78 8.11
C GLN B 36 -28.15 -4.55 7.61
N ASP B 37 -28.05 -5.20 6.44
CA ASP B 37 -29.17 -5.97 5.90
C ASP B 37 -28.67 -6.91 4.79
N ASP B 38 -28.57 -8.21 5.11
CA ASP B 38 -28.03 -9.19 4.19
C ASP B 38 -28.91 -9.38 2.95
N GLN B 39 -30.11 -8.77 2.95
CA GLN B 39 -31.05 -8.97 1.85
C GLN B 39 -30.72 -8.03 0.67
N TYR B 40 -29.72 -7.16 0.81
CA TYR B 40 -29.29 -6.31 -0.28
C TYR B 40 -28.15 -6.98 -1.06
N ILE B 41 -27.96 -8.29 -0.86
CA ILE B 41 -26.81 -9.00 -1.40
C ILE B 41 -26.91 -9.05 -2.93
N GLU B 42 -28.13 -9.15 -3.46
CA GLU B 42 -28.34 -9.35 -4.89
C GLU B 42 -27.89 -8.12 -5.67
N ALA B 43 -28.04 -6.93 -5.08
CA ALA B 43 -27.57 -5.69 -5.70
C ALA B 43 -26.04 -5.62 -5.72
N LEU B 44 -25.39 -6.10 -4.65
CA LEU B 44 -23.93 -6.15 -4.59
C LEU B 44 -23.39 -7.11 -5.64
N GLU B 45 -24.04 -8.28 -5.77
CA GLU B 45 -23.58 -9.30 -6.69
C GLU B 45 -23.70 -8.82 -8.13
N THR B 46 -24.77 -8.07 -8.40
CA THR B 46 -25.01 -7.49 -9.71
C THR B 46 -23.94 -6.44 -10.01
N LEU B 47 -23.68 -5.55 -9.04
CA LEU B 47 -22.62 -4.56 -9.19
C LEU B 47 -21.28 -5.25 -9.50
N MET B 48 -21.00 -6.36 -8.82
CA MET B 48 -19.73 -7.06 -8.98
C MET B 48 -19.64 -7.72 -10.35
N ASP B 49 -20.77 -8.19 -10.87
CA ASP B 49 -20.84 -8.75 -12.21
C ASP B 49 -20.50 -7.66 -13.23
N ASP B 50 -21.08 -6.48 -13.02
CA ASP B 50 -20.88 -5.34 -13.89
C ASP B 50 -19.40 -4.91 -13.87
N TYR B 51 -18.81 -4.90 -12.68
CA TYR B 51 -17.41 -4.55 -12.48
C TYR B 51 -16.49 -5.51 -13.23
N SER B 52 -16.80 -6.81 -13.14
CA SER B 52 -16.02 -7.83 -13.81
C SER B 52 -16.04 -7.64 -15.33
N GLU B 53 -17.21 -7.29 -15.86
CA GLU B 53 -17.35 -7.10 -17.30
C GLU B 53 -16.51 -5.89 -17.74
N PHE B 54 -16.53 -4.82 -16.92
CA PHE B 54 -15.73 -3.63 -17.18
C PHE B 54 -14.24 -3.99 -17.21
N ILE B 55 -13.78 -4.72 -16.18
CA ILE B 55 -12.39 -5.09 -16.07
C ILE B 55 -11.93 -5.97 -17.24
N LEU B 56 -12.78 -6.92 -17.68
CA LEU B 56 -12.42 -7.87 -18.72
C LEU B 56 -12.72 -7.35 -20.13
N ASN B 57 -13.22 -6.13 -20.25
CA ASN B 57 -13.47 -5.53 -21.55
C ASN B 57 -12.18 -4.90 -22.06
N PRO B 58 -11.61 -5.39 -23.19
CA PRO B 58 -10.32 -4.92 -23.69
C PRO B 58 -10.26 -3.44 -24.10
N ILE B 59 -11.42 -2.84 -24.42
CA ILE B 59 -11.49 -1.42 -24.69
C ILE B 59 -11.24 -0.61 -23.42
N TYR B 60 -11.89 -0.99 -22.31
CA TYR B 60 -11.70 -0.31 -21.02
C TYR B 60 -10.26 -0.47 -20.54
N GLU B 61 -9.68 -1.67 -20.75
CA GLU B 61 -8.30 -1.93 -20.38
C GLU B 61 -7.35 -1.02 -21.14
N GLN B 62 -7.61 -0.84 -22.44
CA GLN B 62 -6.71 -0.05 -23.27
C GLN B 62 -6.76 1.39 -22.77
N GLN B 63 -7.97 1.91 -22.50
CA GLN B 63 -8.16 3.29 -22.08
C GLN B 63 -7.65 3.51 -20.65
N PHE B 64 -7.74 2.48 -19.80
CA PHE B 64 -7.18 2.54 -18.46
C PHE B 64 -5.66 2.67 -18.54
N ASN B 65 -5.07 1.87 -19.43
CA ASN B 65 -3.64 1.92 -19.71
C ASN B 65 -3.26 3.25 -20.34
N ALA B 66 -4.18 3.90 -21.06
CA ALA B 66 -3.88 5.19 -21.67
C ALA B 66 -3.90 6.33 -20.65
N TRP B 67 -4.69 6.21 -19.58
CA TRP B 67 -4.87 7.31 -18.65
C TRP B 67 -3.52 7.67 -18.04
N ARG B 68 -3.16 8.96 -18.00
CA ARG B 68 -1.80 9.39 -17.66
C ARG B 68 -1.69 10.03 -16.27
N ASP B 69 -2.79 10.17 -15.52
CA ASP B 69 -2.72 10.76 -14.19
C ASP B 69 -2.32 9.64 -13.23
N VAL B 70 -1.02 9.35 -13.16
CA VAL B 70 -0.50 8.21 -12.43
C VAL B 70 -0.96 8.27 -10.97
N GLU B 71 -0.93 9.45 -10.37
CA GLU B 71 -1.22 9.56 -8.95
C GLU B 71 -2.70 9.27 -8.70
N GLU B 72 -3.58 9.91 -9.46
CA GLU B 72 -5.01 9.72 -9.29
C GLU B 72 -5.38 8.25 -9.51
N LYS B 73 -4.74 7.65 -10.52
CA LYS B 73 -4.99 6.25 -10.87
C LYS B 73 -4.56 5.35 -9.71
N ALA B 74 -3.39 5.63 -9.13
CA ALA B 74 -2.90 4.84 -7.99
C ALA B 74 -3.85 4.93 -6.79
N GLN B 75 -4.38 6.13 -6.52
CA GLN B 75 -5.27 6.32 -5.39
C GLN B 75 -6.57 5.54 -5.56
N LEU B 76 -7.13 5.61 -6.77
CA LEU B 76 -8.34 4.87 -7.06
C LEU B 76 -8.08 3.37 -7.01
N ILE B 77 -6.97 2.89 -7.58
CA ILE B 77 -6.66 1.48 -7.50
C ILE B 77 -6.59 1.02 -6.05
N LYS B 78 -5.93 1.83 -5.21
CA LYS B 78 -5.68 1.37 -3.84
C LYS B 78 -7.03 1.33 -3.12
N SER B 79 -7.89 2.32 -3.36
CA SER B 79 -9.14 2.38 -2.61
C SER B 79 -10.08 1.26 -3.07
N LEU B 80 -10.10 1.01 -4.38
CA LEU B 80 -11.00 0.00 -4.93
C LEU B 80 -10.57 -1.41 -4.53
N GLN B 81 -9.27 -1.70 -4.57
CA GLN B 81 -8.85 -3.05 -4.23
C GLN B 81 -9.19 -3.35 -2.77
N TYR B 82 -9.21 -2.32 -1.91
CA TYR B 82 -9.53 -2.49 -0.50
C TYR B 82 -11.02 -2.77 -0.33
N ILE B 83 -11.87 -1.87 -0.85
CA ILE B 83 -13.30 -1.99 -0.61
C ILE B 83 -13.82 -3.26 -1.30
N THR B 84 -13.29 -3.60 -2.49
CA THR B 84 -13.73 -4.79 -3.21
C THR B 84 -13.29 -6.07 -2.48
N ALA B 85 -12.12 -6.06 -1.83
CA ALA B 85 -11.71 -7.23 -1.07
C ALA B 85 -12.71 -7.51 0.06
N GLN B 86 -13.21 -6.46 0.73
CA GLN B 86 -14.16 -6.62 1.83
C GLN B 86 -15.53 -7.04 1.30
N CYS B 87 -15.95 -6.50 0.15
CA CYS B 87 -17.24 -6.88 -0.41
C CYS B 87 -17.24 -8.36 -0.79
N VAL B 88 -16.14 -8.84 -1.37
CA VAL B 88 -16.04 -10.24 -1.78
C VAL B 88 -16.17 -11.16 -0.57
N LYS B 89 -15.52 -10.78 0.52
CA LYS B 89 -15.60 -11.51 1.78
C LYS B 89 -17.07 -11.59 2.24
N GLN B 90 -17.77 -10.45 2.21
CA GLN B 90 -19.17 -10.43 2.64
C GLN B 90 -20.05 -11.29 1.74
N VAL B 91 -19.85 -11.24 0.42
CA VAL B 91 -20.60 -12.08 -0.50
C VAL B 91 -20.40 -13.56 -0.11
N GLU B 92 -19.15 -13.97 0.14
CA GLU B 92 -18.88 -15.36 0.53
C GLU B 92 -19.65 -15.75 1.79
N VAL B 93 -19.70 -14.86 2.80
CA VAL B 93 -20.40 -15.12 4.05
C VAL B 93 -21.90 -15.28 3.78
N ILE B 94 -22.47 -14.34 3.02
CA ILE B 94 -23.91 -14.36 2.80
C ILE B 94 -24.30 -15.61 1.98
N ARG B 95 -23.49 -15.95 0.97
CA ARG B 95 -23.72 -17.15 0.20
C ARG B 95 -23.69 -18.40 1.09
N ALA B 96 -22.74 -18.45 2.04
CA ALA B 96 -22.59 -19.61 2.92
C ALA B 96 -23.82 -19.69 3.83
N ARG B 97 -24.19 -18.56 4.44
CA ARG B 97 -25.35 -18.49 5.32
C ARG B 97 -26.62 -18.94 4.59
N ARG B 98 -26.79 -18.52 3.32
CA ARG B 98 -28.01 -18.82 2.60
C ARG B 98 -28.12 -20.31 2.27
N LEU B 99 -27.03 -20.95 1.84
CA LEU B 99 -27.06 -22.39 1.55
C LEU B 99 -27.38 -23.17 2.82
N LEU B 100 -26.76 -22.78 3.95
CA LEU B 100 -26.95 -23.46 5.23
C LEU B 100 -28.35 -23.22 5.78
N ASP B 101 -28.93 -22.04 5.53
CA ASP B 101 -30.26 -21.68 6.03
C ASP B 101 -31.35 -22.34 5.18
N GLY B 102 -31.03 -22.68 3.92
CA GLY B 102 -31.99 -23.21 2.97
C GLY B 102 -32.76 -22.12 2.25
N GLN B 103 -32.15 -20.93 2.10
CA GLN B 103 -32.67 -19.84 1.28
C GLN B 103 -31.72 -19.58 0.11
N ALA B 104 -31.32 -20.64 -0.60
CA ALA B 104 -30.29 -20.54 -1.61
C ALA B 104 -30.87 -20.19 -2.98
N GLU B 119 -7.29 -25.46 -12.28
CA GLU B 119 -6.96 -24.24 -13.06
C GLU B 119 -5.63 -23.64 -12.58
N GLU B 120 -5.31 -23.77 -11.28
CA GLU B 120 -4.05 -23.25 -10.76
C GLU B 120 -2.85 -24.08 -11.23
N PHE B 121 -2.89 -25.41 -11.07
CA PHE B 121 -1.74 -26.24 -11.40
C PHE B 121 -1.97 -27.00 -12.71
N CYS B 124 -2.35 -32.64 -15.08
CA CYS B 124 -2.60 -32.57 -13.62
C CYS B 124 -1.26 -32.57 -12.89
N SER B 125 -1.16 -31.78 -11.81
CA SER B 125 0.04 -31.75 -10.96
C SER B 125 -0.28 -32.11 -9.51
N ILE B 126 -1.55 -32.06 -9.10
CA ILE B 126 -1.95 -32.48 -7.76
C ILE B 126 -2.60 -33.86 -7.84
N THR B 127 -2.09 -34.77 -6.99
CA THR B 127 -2.57 -36.14 -6.93
C THR B 127 -2.94 -36.47 -5.47
N SER B 128 -3.44 -37.69 -5.26
CA SER B 128 -3.96 -38.11 -3.97
C SER B 128 -2.86 -38.29 -2.93
N ASN B 129 -1.58 -38.34 -3.34
CA ASN B 129 -0.49 -38.45 -2.39
C ASN B 129 0.01 -37.06 -1.99
N ASP B 130 -0.65 -35.99 -2.49
CA ASP B 130 -0.18 -34.63 -2.30
C ASP B 130 -0.92 -33.96 -1.14
N LYS B 131 -0.53 -32.75 -0.80
CA LYS B 131 -1.11 -32.04 0.33
C LYS B 131 -1.13 -30.56 -0.03
N LEU B 132 -2.33 -29.99 -0.17
CA LEU B 132 -2.50 -28.63 -0.60
C LEU B 132 -2.87 -27.73 0.57
N LEU B 133 -2.21 -26.57 0.65
CA LEU B 133 -2.60 -25.49 1.55
C LEU B 133 -3.18 -24.34 0.75
N LEU B 134 -4.37 -23.89 1.11
CA LEU B 134 -4.96 -22.71 0.48
C LEU B 134 -5.03 -21.61 1.54
N VAL B 135 -4.29 -20.52 1.29
CA VAL B 135 -4.29 -19.36 2.18
C VAL B 135 -5.43 -18.45 1.73
N GLY B 136 -6.33 -18.09 2.65
CA GLY B 136 -7.54 -17.36 2.29
C GLY B 136 -8.61 -18.27 1.69
N SER B 137 -9.04 -19.25 2.50
CA SER B 137 -9.98 -20.27 2.07
C SER B 137 -11.38 -19.70 1.83
N GLY B 138 -11.81 -18.73 2.66
CA GLY B 138 -13.08 -18.05 2.48
C GLY B 138 -14.28 -18.78 3.10
N ALA B 139 -15.38 -18.06 3.32
CA ALA B 139 -16.57 -18.63 3.94
C ALA B 139 -17.31 -19.62 3.05
N TYR B 140 -17.05 -19.58 1.74
CA TYR B 140 -17.69 -20.45 0.78
C TYR B 140 -16.60 -21.16 -0.01
N PRO B 141 -15.87 -22.14 0.62
CA PRO B 141 -14.61 -22.66 0.05
C PRO B 141 -14.74 -23.70 -1.05
N MET B 142 -15.38 -23.32 -2.17
CA MET B 142 -15.66 -24.23 -3.28
C MET B 142 -14.38 -24.73 -3.94
N THR B 143 -13.36 -23.87 -4.05
CA THR B 143 -12.05 -24.25 -4.57
C THR B 143 -11.45 -25.40 -3.78
N LEU B 144 -11.50 -25.27 -2.44
CA LEU B 144 -11.01 -26.30 -1.55
C LEU B 144 -11.71 -27.62 -1.85
N ILE B 145 -13.04 -27.56 -1.90
CA ILE B 145 -13.86 -28.74 -2.06
C ILE B 145 -13.58 -29.40 -3.42
N GLN B 146 -13.43 -28.57 -4.45
CA GLN B 146 -13.16 -29.06 -5.80
C GLN B 146 -11.81 -29.78 -5.89
N VAL B 147 -10.76 -29.22 -5.28
CA VAL B 147 -9.45 -29.86 -5.32
C VAL B 147 -9.56 -31.24 -4.67
N ALA B 148 -10.21 -31.32 -3.50
CA ALA B 148 -10.29 -32.57 -2.77
C ALA B 148 -11.01 -33.65 -3.60
N LYS B 149 -12.17 -33.30 -4.14
CA LYS B 149 -12.98 -34.27 -4.88
C LYS B 149 -12.30 -34.69 -6.19
N GLU B 150 -11.66 -33.76 -6.91
CA GLU B 150 -11.05 -34.07 -8.19
C GLU B 150 -9.71 -34.79 -8.03
N THR B 151 -8.94 -34.49 -6.98
CA THR B 151 -7.58 -35.00 -6.91
C THR B 151 -7.47 -36.14 -5.90
N GLY B 152 -8.23 -36.03 -4.81
CA GLY B 152 -8.14 -36.95 -3.70
C GLY B 152 -7.03 -36.56 -2.73
N ALA B 153 -6.43 -35.38 -2.95
CA ALA B 153 -5.34 -34.88 -2.13
C ALA B 153 -5.87 -34.47 -0.76
N SER B 154 -4.97 -34.46 0.21
CA SER B 154 -5.25 -33.88 1.49
C SER B 154 -5.25 -32.36 1.35
N VAL B 155 -6.23 -31.68 1.94
CA VAL B 155 -6.37 -30.24 1.73
C VAL B 155 -6.49 -29.55 3.09
N ILE B 156 -5.73 -28.45 3.23
CA ILE B 156 -5.82 -27.56 4.38
C ILE B 156 -6.23 -26.19 3.88
N GLY B 157 -7.29 -25.61 4.47
CA GLY B 157 -7.60 -24.19 4.28
C GLY B 157 -7.28 -23.38 5.54
N ILE B 158 -6.67 -22.20 5.38
CA ILE B 158 -6.51 -21.29 6.49
C ILE B 158 -7.18 -19.97 6.13
N ASP B 159 -7.73 -19.30 7.16
CA ASP B 159 -8.28 -17.96 6.99
C ASP B 159 -8.02 -17.22 8.29
N ILE B 160 -7.73 -15.91 8.16
CA ILE B 160 -7.47 -15.02 9.28
C ILE B 160 -8.79 -14.65 9.93
N ASP B 161 -9.91 -14.77 9.20
CA ASP B 161 -11.21 -14.39 9.75
C ASP B 161 -11.90 -15.64 10.30
N PRO B 162 -12.16 -15.70 11.62
CA PRO B 162 -12.78 -16.87 12.25
C PRO B 162 -14.21 -17.17 11.79
N GLN B 163 -14.98 -16.14 11.44
CA GLN B 163 -16.31 -16.37 10.88
C GLN B 163 -16.21 -17.17 9.57
N ALA B 164 -15.20 -16.88 8.73
CA ALA B 164 -14.98 -17.58 7.48
C ALA B 164 -14.61 -19.04 7.71
N VAL B 165 -13.84 -19.30 8.77
CA VAL B 165 -13.43 -20.65 9.13
C VAL B 165 -14.67 -21.43 9.55
N ASP B 166 -15.47 -20.82 10.43
CA ASP B 166 -16.64 -21.49 10.96
C ASP B 166 -17.62 -21.85 9.85
N LEU B 167 -18.02 -20.86 9.04
CA LEU B 167 -18.92 -21.09 7.92
C LEU B 167 -18.30 -22.06 6.93
N GLY B 168 -17.00 -21.93 6.66
CA GLY B 168 -16.32 -22.80 5.71
C GLY B 168 -16.38 -24.27 6.12
N ARG B 169 -16.08 -24.52 7.41
CA ARG B 169 -16.17 -25.85 7.98
C ARG B 169 -17.57 -26.45 7.82
N ARG B 170 -18.60 -25.65 8.06
CA ARG B 170 -19.96 -26.14 7.99
C ARG B 170 -20.34 -26.44 6.53
N ILE B 171 -19.84 -25.62 5.59
CA ILE B 171 -20.09 -25.85 4.16
C ILE B 171 -19.46 -27.19 3.75
N VAL B 172 -18.24 -27.46 4.25
CA VAL B 172 -17.47 -28.66 3.91
C VAL B 172 -18.17 -29.90 4.45
N ASN B 173 -18.73 -29.78 5.66
CA ASN B 173 -19.48 -30.88 6.26
C ASN B 173 -20.72 -31.20 5.44
N VAL B 174 -21.38 -30.18 4.88
CA VAL B 174 -22.60 -30.40 4.11
C VAL B 174 -22.25 -31.04 2.77
N LEU B 175 -21.23 -30.52 2.07
CA LEU B 175 -21.00 -30.90 0.68
C LEU B 175 -19.92 -31.96 0.52
N ALA B 176 -18.98 -32.08 1.47
CA ALA B 176 -17.88 -33.01 1.26
C ALA B 176 -17.40 -33.60 2.58
N PRO B 177 -18.31 -34.22 3.37
CA PRO B 177 -17.95 -34.71 4.71
C PRO B 177 -16.90 -35.82 4.79
N ASN B 178 -16.73 -36.59 3.70
CA ASN B 178 -15.83 -37.74 3.70
C ASN B 178 -14.46 -37.41 3.12
N GLU B 179 -14.25 -36.19 2.64
CA GLU B 179 -12.95 -35.79 2.10
C GLU B 179 -12.04 -35.35 3.25
N ASP B 180 -10.72 -35.39 2.99
CA ASP B 180 -9.72 -34.96 3.96
C ASP B 180 -9.48 -33.46 3.82
N ILE B 181 -10.38 -32.67 4.41
CA ILE B 181 -10.34 -31.22 4.39
C ILE B 181 -10.25 -30.71 5.82
N THR B 182 -9.26 -29.86 6.10
CA THR B 182 -9.16 -29.18 7.37
C THR B 182 -9.12 -27.68 7.12
N ILE B 183 -10.04 -26.95 7.77
CA ILE B 183 -10.03 -25.50 7.76
C ILE B 183 -9.71 -25.03 9.19
N THR B 184 -8.72 -24.13 9.31
CA THR B 184 -8.30 -23.59 10.59
C THR B 184 -8.06 -22.10 10.45
N ASP B 185 -7.93 -21.41 11.59
CA ASP B 185 -7.53 -20.02 11.64
C ASP B 185 -6.08 -19.89 12.13
N GLN B 186 -5.20 -20.81 11.73
CA GLN B 186 -3.79 -20.76 12.13
C GLN B 186 -3.00 -19.97 11.09
N LYS B 187 -1.95 -19.28 11.55
CA LYS B 187 -0.97 -18.66 10.66
C LYS B 187 -0.09 -19.78 10.09
N VAL B 188 0.68 -19.48 9.03
CA VAL B 188 1.42 -20.53 8.34
C VAL B 188 2.51 -21.08 9.28
N SER B 189 3.02 -20.24 10.19
CA SER B 189 4.05 -20.67 11.13
C SER B 189 3.51 -21.63 12.19
N GLU B 190 2.19 -21.67 12.39
CA GLU B 190 1.59 -22.47 13.44
C GLU B 190 1.27 -23.89 12.94
N LEU B 191 1.24 -24.10 11.63
CA LEU B 191 0.83 -25.35 11.04
C LEU B 191 1.84 -26.46 11.35
N LYS B 192 1.36 -27.53 11.98
CA LYS B 192 2.20 -28.64 12.39
C LYS B 192 2.90 -29.27 11.19
N ASP B 193 2.16 -29.39 10.08
CA ASP B 193 2.50 -30.25 8.96
C ASP B 193 3.09 -29.46 7.79
N ILE B 194 3.53 -28.21 8.01
CA ILE B 194 3.83 -27.29 6.91
C ILE B 194 4.93 -27.87 6.03
N LYS B 195 5.83 -28.69 6.61
CA LYS B 195 6.92 -29.29 5.84
C LYS B 195 6.42 -30.34 4.83
N ASP B 196 5.23 -30.90 5.04
CA ASP B 196 4.71 -31.95 4.18
C ASP B 196 3.83 -31.38 3.07
N VAL B 197 3.63 -30.06 3.05
CA VAL B 197 2.79 -29.44 2.04
C VAL B 197 3.53 -29.47 0.70
N THR B 198 2.86 -29.99 -0.33
CA THR B 198 3.39 -30.07 -1.68
C THR B 198 2.97 -28.87 -2.52
N HIS B 199 1.77 -28.36 -2.28
CA HIS B 199 1.23 -27.29 -3.09
C HIS B 199 0.62 -26.23 -2.20
N ILE B 200 0.76 -24.97 -2.64
CA ILE B 200 0.15 -23.83 -1.95
C ILE B 200 -0.56 -22.94 -2.96
N ILE B 201 -1.77 -22.46 -2.60
CA ILE B 201 -2.49 -21.47 -3.40
C ILE B 201 -2.78 -20.26 -2.53
N PHE B 202 -2.46 -19.07 -3.05
CA PHE B 202 -2.83 -17.81 -2.43
C PHE B 202 -4.06 -17.21 -3.13
N SER B 203 -5.06 -16.84 -2.32
CA SER B 203 -6.13 -15.98 -2.79
C SER B 203 -5.55 -14.63 -3.21
N SER B 204 -6.15 -14.09 -4.26
CA SER B 204 -5.67 -12.89 -4.91
C SER B 204 -5.88 -11.68 -4.02
N THR B 205 -6.96 -11.72 -3.23
CA THR B 205 -7.42 -10.57 -2.47
C THR B 205 -6.76 -10.53 -1.08
N ILE B 206 -5.60 -11.19 -0.91
CA ILE B 206 -4.82 -11.06 0.33
C ILE B 206 -3.74 -9.97 0.16
N PRO B 207 -3.84 -8.83 0.89
CA PRO B 207 -2.88 -7.74 0.69
C PRO B 207 -1.39 -8.11 0.85
N LEU B 208 -1.08 -8.98 1.83
CA LEU B 208 0.31 -9.19 2.22
C LEU B 208 0.81 -10.55 1.74
N LYS B 209 0.21 -11.05 0.64
CA LYS B 209 0.46 -12.40 0.16
C LYS B 209 1.93 -12.63 -0.15
N TYR B 210 2.64 -11.66 -0.76
CA TYR B 210 4.05 -11.84 -1.06
C TYR B 210 4.94 -11.83 0.20
N SER B 211 4.50 -11.15 1.26
CA SER B 211 5.24 -11.18 2.51
C SER B 211 5.08 -12.56 3.15
N ILE B 212 3.88 -13.13 3.04
CA ILE B 212 3.65 -14.51 3.46
C ILE B 212 4.52 -15.47 2.62
N LEU B 213 4.54 -15.28 1.29
CA LEU B 213 5.40 -16.11 0.46
C LEU B 213 6.84 -16.13 0.98
N GLU B 214 7.37 -14.96 1.36
CA GLU B 214 8.73 -14.83 1.88
C GLU B 214 8.93 -15.70 3.13
N GLU B 215 7.98 -15.64 4.07
CA GLU B 215 8.06 -16.41 5.31
C GLU B 215 7.96 -17.92 5.05
N LEU B 216 7.21 -18.32 4.01
CA LEU B 216 6.99 -19.73 3.74
C LEU B 216 8.29 -20.40 3.31
N TYR B 217 9.27 -19.62 2.86
CA TYR B 217 10.48 -20.20 2.29
C TYR B 217 11.11 -21.19 3.29
N ASP B 218 11.36 -20.73 4.51
CA ASP B 218 12.02 -21.57 5.48
C ASP B 218 11.08 -22.60 6.09
N LEU B 219 9.76 -22.45 5.91
CA LEU B 219 8.80 -23.34 6.56
C LEU B 219 8.54 -24.59 5.73
N THR B 220 8.91 -24.55 4.43
CA THR B 220 8.44 -25.54 3.48
C THR B 220 9.59 -26.39 2.99
N ASN B 221 9.26 -27.58 2.50
CA ASN B 221 10.21 -28.48 1.85
C ASN B 221 10.67 -27.90 0.51
N GLU B 222 11.76 -28.49 0.00
CA GLU B 222 12.50 -28.03 -1.16
C GLU B 222 11.68 -28.04 -2.45
N ASN B 223 10.68 -28.93 -2.55
CA ASN B 223 9.98 -29.19 -3.81
C ASN B 223 8.60 -28.53 -3.87
N VAL B 224 8.26 -27.67 -2.92
CA VAL B 224 6.94 -27.07 -2.89
C VAL B 224 6.70 -26.17 -4.12
N VAL B 225 5.46 -26.13 -4.60
CA VAL B 225 5.09 -25.23 -5.68
C VAL B 225 3.98 -24.32 -5.17
N VAL B 226 4.08 -23.03 -5.48
CA VAL B 226 3.13 -22.01 -5.05
C VAL B 226 2.42 -21.38 -6.25
N ALA B 227 1.08 -21.42 -6.25
CA ALA B 227 0.27 -20.69 -7.20
C ALA B 227 -0.17 -19.37 -6.57
N MET B 228 0.36 -18.25 -7.07
CA MET B 228 -0.03 -16.92 -6.64
C MET B 228 -1.06 -16.37 -7.61
N ARG B 229 -2.28 -16.16 -7.10
CA ARG B 229 -3.32 -15.44 -7.83
C ARG B 229 -3.04 -13.94 -7.73
N PHE B 230 -3.21 -13.22 -8.86
CA PHE B 230 -2.96 -11.81 -8.89
C PHE B 230 -3.74 -11.13 -10.03
N GLY B 231 -3.75 -9.79 -9.97
CA GLY B 231 -4.16 -8.97 -11.09
C GLY B 231 -3.35 -7.69 -11.15
N ASP B 232 -2.75 -7.42 -12.32
CA ASP B 232 -2.07 -6.16 -12.63
C ASP B 232 -2.84 -5.36 -13.68
N GLY B 233 -2.44 -4.10 -13.86
CA GLY B 233 -3.17 -3.18 -14.71
C GLY B 233 -4.59 -2.97 -14.22
N ILE B 234 -5.55 -3.02 -15.16
CA ILE B 234 -6.96 -2.82 -14.82
C ILE B 234 -7.41 -3.86 -13.82
N LYS B 235 -6.87 -5.09 -13.90
CA LYS B 235 -7.25 -6.16 -12.99
C LYS B 235 -6.83 -5.84 -11.54
N ALA B 236 -5.90 -4.89 -11.33
CA ALA B 236 -5.47 -4.53 -9.97
C ALA B 236 -6.56 -3.79 -9.20
N ILE B 237 -7.69 -3.42 -9.82
CA ILE B 237 -8.76 -2.76 -9.09
C ILE B 237 -9.67 -3.78 -8.39
N PHE B 238 -9.46 -5.07 -8.65
CA PHE B 238 -10.27 -6.11 -8.02
C PHE B 238 -9.36 -7.20 -7.48
N ASN B 239 -8.07 -6.91 -7.36
CA ASN B 239 -7.04 -7.88 -7.00
C ASN B 239 -5.83 -7.14 -6.43
N TYR B 240 -4.98 -7.85 -5.69
CA TYR B 240 -3.67 -7.31 -5.35
C TYR B 240 -2.73 -7.74 -6.46
N PRO B 241 -1.75 -6.87 -6.81
CA PRO B 241 -0.89 -7.12 -7.97
C PRO B 241 0.19 -8.15 -7.66
N SER B 242 0.90 -8.56 -8.72
CA SER B 242 2.12 -9.32 -8.60
C SER B 242 3.22 -8.40 -8.11
N GLN B 243 4.32 -9.02 -7.67
CA GLN B 243 5.51 -8.33 -7.16
C GLN B 243 6.76 -9.07 -7.61
N GLU B 244 7.89 -8.36 -7.60
CA GLU B 244 9.20 -8.97 -7.73
C GLU B 244 9.45 -9.78 -6.46
N THR B 245 10.08 -10.95 -6.60
CA THR B 245 10.52 -11.72 -5.45
C THR B 245 12.05 -11.69 -5.38
N ALA B 246 12.60 -12.07 -4.23
CA ALA B 246 14.03 -12.30 -4.08
C ALA B 246 14.41 -13.55 -4.88
N GLU B 247 15.30 -13.38 -5.88
CA GLU B 247 15.58 -14.40 -6.87
C GLU B 247 16.41 -15.54 -6.28
N ASP B 248 17.00 -15.33 -5.10
CA ASP B 248 17.76 -16.37 -4.43
C ASP B 248 16.79 -17.29 -3.67
N LYS B 249 15.51 -16.88 -3.55
CA LYS B 249 14.51 -17.64 -2.81
C LYS B 249 13.50 -18.24 -3.79
N TRP B 250 12.64 -17.39 -4.35
CA TRP B 250 11.53 -17.85 -5.17
C TRP B 250 11.72 -17.43 -6.61
N GLN B 251 11.44 -18.36 -7.52
CA GLN B 251 11.59 -18.18 -8.95
C GLN B 251 10.24 -18.41 -9.63
N CYS B 252 9.80 -17.44 -10.45
CA CYS B 252 8.63 -17.61 -11.29
C CYS B 252 8.99 -18.61 -12.39
N VAL B 253 8.25 -19.71 -12.46
CA VAL B 253 8.49 -20.75 -13.45
C VAL B 253 7.34 -20.81 -14.46
N ASN B 254 6.27 -20.02 -14.28
CA ASN B 254 5.11 -20.11 -15.15
C ASN B 254 4.14 -18.98 -14.85
N LYS B 255 3.56 -18.40 -15.91
CA LYS B 255 2.58 -17.33 -15.76
C LYS B 255 1.46 -17.48 -16.78
N HIS B 256 0.23 -17.50 -16.27
CA HIS B 256 -0.98 -17.62 -17.08
C HIS B 256 -1.76 -16.33 -17.00
N MET B 257 -1.80 -15.61 -18.13
CA MET B 257 -2.63 -14.42 -18.28
C MET B 257 -3.93 -14.87 -18.93
N ARG B 258 -5.05 -14.57 -18.25
CA ARG B 258 -6.35 -15.07 -18.67
C ARG B 258 -7.27 -13.90 -18.97
N PRO B 259 -7.39 -13.49 -20.25
CA PRO B 259 -8.18 -12.29 -20.61
C PRO B 259 -9.67 -12.34 -20.28
N GLN B 260 -10.23 -13.53 -20.06
CA GLN B 260 -11.64 -13.65 -19.73
C GLN B 260 -11.88 -14.04 -18.27
N GLN B 261 -10.84 -14.04 -17.41
CA GLN B 261 -11.01 -14.35 -16.00
C GLN B 261 -10.49 -13.22 -15.11
N ILE B 262 -11.10 -13.06 -13.93
CA ILE B 262 -10.87 -11.89 -13.09
C ILE B 262 -9.46 -11.86 -12.49
N PHE B 263 -8.79 -13.01 -12.37
CA PHE B 263 -7.40 -13.05 -11.89
C PHE B 263 -6.54 -13.95 -12.78
N ASP B 264 -5.25 -13.58 -12.86
CA ASP B 264 -4.16 -14.34 -13.46
C ASP B 264 -3.45 -15.18 -12.40
N ILE B 265 -2.55 -16.07 -12.87
CA ILE B 265 -1.83 -17.00 -12.01
C ILE B 265 -0.35 -16.98 -12.37
N ALA B 266 0.49 -16.92 -11.33
CA ALA B 266 1.92 -17.11 -11.44
C ALA B 266 2.36 -18.29 -10.55
N LEU B 267 3.19 -19.18 -11.08
CA LEU B 267 3.71 -20.31 -10.34
C LEU B 267 5.16 -20.01 -9.91
N TYR B 268 5.47 -20.36 -8.65
CA TYR B 268 6.78 -20.12 -8.06
C TYR B 268 7.32 -21.45 -7.52
N LYS B 269 8.59 -21.71 -7.77
CA LYS B 269 9.30 -22.78 -7.08
C LYS B 269 10.54 -22.17 -6.43
N LYS B 270 11.13 -22.90 -5.52
CA LYS B 270 12.35 -22.42 -4.88
C LYS B 270 13.51 -22.43 -5.86
N ALA B 271 14.36 -21.40 -5.79
CA ALA B 271 15.55 -21.36 -6.62
C ALA B 271 16.53 -22.47 -6.17
#